data_2ONZ
#
_entry.id   2ONZ
#
_cell.length_a   94.490
_cell.length_b   94.490
_cell.length_c   187.880
_cell.angle_alpha   90.000
_cell.angle_beta   90.000
_cell.angle_gamma   90.000
#
_symmetry.space_group_name_H-M   'P 43 21 2'
#
loop_
_entity.id
_entity.type
_entity.pdbx_description
1 polymer 'Phenylethanolamine N-methyltransferase'
2 non-polymer S-ADENOSYL-L-HOMOCYSTEINE
3 non-polymer N-(4-CHLOROPHENYL)-1,2,3,4-TETRAHYDROISOQUINOLINE-7-SULFONAMIDE
4 water water
#
_entity_poly.entity_id   1
_entity_poly.type   'polypeptide(L)'
_entity_poly.pdbx_seq_one_letter_code
;MSGADRSPNAGAAPDSAPGQAAVASAYQRFEPRAYLRNNYAPPRGDLCNPNGVGPWALRCLAQTFATGEVSGRTLIDIGS
GPTVYQLLSACSHFEDITMTDFLEVNRQELGRWLQEEPGAFNWSMYSQHACLIEGKGECWQDKERQLRARVKRVLPIDVH
QPQPLGAGSPAPLPADALVSAFCLEAVSPDLASFQRALDHITTLLRPGGHLLLIGALEESWYLAGEARLTVVPVSEEEVR
EALVRSGYKVRDLRTYIMPAHLQTGVDDVKGVFFAWAQKVGLEHHHHHH
;
_entity_poly.pdbx_strand_id   A,B
#
loop_
_chem_comp.id
_chem_comp.type
_chem_comp.name
_chem_comp.formula
SAH non-polymer S-ADENOSYL-L-HOMOCYSTEINE 'C14 H20 N6 O5 S'
TMJ non-polymer N-(4-CHLOROPHENYL)-1,2,3,4-TETRAHYDROISOQUINOLINE-7-SULFONAMIDE 'C15 H15 Cl N2 O2 S'
#
# COMPACT_ATOMS: atom_id res chain seq x y z
N ALA A 24 0.07 -37.52 13.45
CA ALA A 24 0.23 -36.71 14.70
C ALA A 24 1.71 -36.41 14.97
N SER A 25 2.48 -37.45 15.28
CA SER A 25 3.91 -37.29 15.54
C SER A 25 4.57 -36.71 14.28
N ALA A 26 3.90 -36.87 13.14
CA ALA A 26 4.40 -36.37 11.87
C ALA A 26 4.66 -34.86 11.98
N TYR A 27 3.88 -34.18 12.81
CA TYR A 27 4.01 -32.73 12.98
C TYR A 27 5.30 -32.34 13.69
N GLN A 28 6.14 -33.32 14.00
CA GLN A 28 7.42 -33.07 14.63
C GLN A 28 8.47 -32.68 13.61
N ARG A 29 8.31 -33.18 12.39
CA ARG A 29 9.25 -32.87 11.32
C ARG A 29 8.79 -31.65 10.52
N PHE A 30 7.70 -31.04 10.97
CA PHE A 30 7.09 -29.85 10.35
C PHE A 30 8.02 -28.63 10.37
N GLU A 31 8.45 -28.19 9.19
CA GLU A 31 9.35 -27.03 9.08
C GLU A 31 8.61 -25.74 8.70
N PRO A 32 8.38 -24.85 9.67
CA PRO A 32 7.68 -23.57 9.48
C PRO A 32 8.03 -22.83 8.20
N ARG A 33 9.32 -22.70 7.90
CA ARG A 33 9.75 -21.98 6.72
C ARG A 33 9.43 -22.65 5.40
N ALA A 34 9.40 -23.99 5.39
CA ALA A 34 9.07 -24.72 4.17
C ALA A 34 7.56 -24.58 3.93
N TYR A 35 6.81 -24.54 5.02
CA TYR A 35 5.37 -24.40 4.96
C TYR A 35 4.95 -23.03 4.41
N LEU A 36 5.58 -21.96 4.93
CA LEU A 36 5.29 -20.60 4.51
C LEU A 36 5.64 -20.43 3.03
N ARG A 37 6.80 -20.94 2.68
CA ARG A 37 7.30 -20.90 1.33
C ARG A 37 6.35 -21.60 0.35
N ASN A 38 5.80 -22.74 0.75
CA ASN A 38 4.90 -23.50 -0.10
C ASN A 38 3.51 -22.92 -0.27
N ASN A 39 3.04 -22.21 0.76
CA ASN A 39 1.68 -21.67 0.72
C ASN A 39 1.48 -20.18 0.71
N TYR A 40 2.48 -19.41 1.16
CA TYR A 40 2.30 -17.97 1.19
C TYR A 40 3.30 -17.19 0.37
N ALA A 41 4.15 -17.91 -0.34
CA ALA A 41 5.12 -17.28 -1.21
C ALA A 41 4.49 -17.44 -2.60
N PRO A 42 4.98 -16.71 -3.59
CA PRO A 42 4.38 -16.89 -4.92
C PRO A 42 4.49 -18.36 -5.35
N PRO A 43 3.54 -18.85 -6.17
CA PRO A 43 2.38 -18.15 -6.74
C PRO A 43 1.13 -18.13 -5.85
N ARG A 44 1.06 -19.00 -4.87
CA ARG A 44 -0.11 -19.04 -4.01
C ARG A 44 -0.20 -17.85 -3.08
N GLY A 45 0.80 -17.00 -3.13
CA GLY A 45 0.83 -15.84 -2.27
C GLY A 45 0.71 -14.54 -3.02
N ASP A 46 0.86 -14.56 -4.34
CA ASP A 46 0.76 -13.31 -5.08
C ASP A 46 -0.61 -12.75 -4.82
N LEU A 47 -0.66 -11.47 -4.48
CA LEU A 47 -1.90 -10.80 -4.18
C LEU A 47 -2.29 -9.82 -5.28
N CYS A 48 -1.41 -9.63 -6.26
CA CYS A 48 -1.75 -8.72 -7.34
C CYS A 48 -2.99 -9.17 -8.10
N ASN A 49 -3.00 -10.42 -8.57
CA ASN A 49 -4.16 -10.94 -9.30
C ASN A 49 -5.33 -11.14 -8.34
N PRO A 50 -6.47 -10.48 -8.60
CA PRO A 50 -7.69 -10.54 -7.78
C PRO A 50 -8.29 -11.90 -7.64
N ASN A 51 -8.03 -12.77 -8.61
CA ASN A 51 -8.58 -14.11 -8.60
C ASN A 51 -7.71 -15.15 -7.93
N GLY A 52 -6.74 -14.67 -7.14
CA GLY A 52 -5.87 -15.58 -6.42
C GLY A 52 -6.54 -15.94 -5.11
N VAL A 53 -6.18 -17.09 -4.55
CA VAL A 53 -6.78 -17.53 -3.29
C VAL A 53 -6.50 -16.48 -2.21
N GLY A 54 -5.31 -15.89 -2.24
CA GLY A 54 -4.95 -14.89 -1.25
C GLY A 54 -5.95 -13.75 -1.23
N PRO A 55 -6.13 -13.06 -2.36
CA PRO A 55 -7.08 -11.95 -2.37
C PRO A 55 -8.44 -12.41 -1.82
N TRP A 56 -8.93 -13.51 -2.36
CA TRP A 56 -10.20 -14.09 -1.94
C TRP A 56 -10.33 -14.25 -0.41
N ALA A 57 -9.37 -14.96 0.20
CA ALA A 57 -9.36 -15.21 1.65
C ALA A 57 -9.33 -13.94 2.50
N LEU A 58 -8.41 -13.02 2.17
CA LEU A 58 -8.33 -11.77 2.93
C LEU A 58 -9.65 -10.99 2.81
N ARG A 59 -10.27 -11.16 1.66
CA ARG A 59 -11.51 -10.50 1.34
C ARG A 59 -12.66 -11.07 2.18
N CYS A 60 -12.68 -12.39 2.34
CA CYS A 60 -13.71 -13.03 3.14
C CYS A 60 -13.64 -12.50 4.55
N LEU A 61 -12.44 -12.48 5.09
CA LEU A 61 -12.23 -12.02 6.44
C LEU A 61 -12.61 -10.55 6.59
N ALA A 62 -12.08 -9.71 5.71
CA ALA A 62 -12.36 -8.29 5.73
C ALA A 62 -13.86 -8.00 5.74
N GLN A 63 -14.57 -8.55 4.77
CA GLN A 63 -16.02 -8.35 4.68
C GLN A 63 -16.75 -8.72 5.96
N THR A 64 -16.53 -9.93 6.46
CA THR A 64 -17.19 -10.37 7.69
C THR A 64 -17.07 -9.29 8.79
N PHE A 65 -15.83 -8.96 9.17
CA PHE A 65 -15.61 -7.95 10.21
C PHE A 65 -16.18 -6.58 9.87
N ALA A 66 -16.37 -6.30 8.59
CA ALA A 66 -16.87 -5.00 8.18
C ALA A 66 -18.36 -4.85 8.44
N THR A 67 -19.04 -5.96 8.74
CA THR A 67 -20.48 -5.93 9.02
C THR A 67 -20.70 -5.49 10.46
N GLY A 68 -19.59 -5.21 11.15
CA GLY A 68 -19.63 -4.77 12.52
C GLY A 68 -20.41 -5.66 13.47
N GLU A 69 -20.57 -6.94 13.13
CA GLU A 69 -21.33 -7.86 13.97
C GLU A 69 -20.45 -8.82 14.75
N VAL A 70 -19.20 -8.95 14.32
CA VAL A 70 -18.27 -9.82 15.02
C VAL A 70 -17.35 -8.92 15.81
N SER A 71 -17.65 -8.75 17.09
CA SER A 71 -16.85 -7.88 17.95
C SER A 71 -16.87 -8.30 19.42
N GLY A 72 -16.07 -7.60 20.22
CA GLY A 72 -15.98 -7.91 21.63
C GLY A 72 -14.66 -7.41 22.15
N ARG A 73 -14.10 -8.11 23.14
CA ARG A 73 -12.83 -7.68 23.71
C ARG A 73 -11.71 -8.67 23.41
N THR A 74 -11.99 -9.95 23.64
CA THR A 74 -10.97 -10.97 23.41
C THR A 74 -11.28 -11.91 22.26
N LEU A 75 -10.22 -12.29 21.56
CA LEU A 75 -10.33 -13.19 20.42
C LEU A 75 -9.16 -14.18 20.44
N ILE A 76 -9.46 -15.44 20.14
CA ILE A 76 -8.45 -16.48 20.13
C ILE A 76 -8.27 -17.13 18.76
N ASP A 77 -7.01 -17.27 18.34
CA ASP A 77 -6.67 -17.85 17.06
C ASP A 77 -6.13 -19.28 17.27
N ILE A 78 -6.91 -20.28 16.85
CA ILE A 78 -6.55 -21.69 17.02
C ILE A 78 -5.56 -22.22 15.97
N GLY A 79 -4.47 -22.81 16.45
CA GLY A 79 -3.48 -23.37 15.54
C GLY A 79 -3.04 -22.38 14.48
N SER A 80 -2.44 -21.29 14.93
CA SER A 80 -1.98 -20.23 14.05
C SER A 80 -0.79 -20.62 13.19
N GLY A 81 -0.04 -21.62 13.63
CA GLY A 81 1.13 -22.00 12.87
C GLY A 81 2.06 -20.81 12.79
N PRO A 82 2.80 -20.64 11.70
CA PRO A 82 3.71 -19.49 11.60
C PRO A 82 3.11 -18.27 10.88
N THR A 83 1.80 -18.31 10.60
CA THR A 83 1.16 -17.22 9.88
C THR A 83 0.42 -16.21 10.76
N VAL A 84 0.09 -15.06 10.18
CA VAL A 84 -0.61 -13.99 10.89
C VAL A 84 -1.73 -13.34 10.06
N TYR A 85 -1.65 -13.47 8.75
CA TYR A 85 -2.64 -12.87 7.86
C TYR A 85 -4.05 -13.05 8.42
N GLN A 86 -4.33 -14.24 8.91
CA GLN A 86 -5.66 -14.61 9.38
C GLN A 86 -6.23 -13.64 10.40
N LEU A 87 -5.40 -12.70 10.89
CA LEU A 87 -5.85 -11.74 11.87
C LEU A 87 -5.81 -10.27 11.47
N LEU A 88 -5.20 -9.96 10.32
CA LEU A 88 -5.08 -8.58 9.85
C LEU A 88 -6.34 -7.72 9.88
N SER A 89 -7.46 -8.21 9.38
CA SER A 89 -8.70 -7.44 9.38
C SER A 89 -9.39 -7.59 10.72
N ALA A 90 -9.05 -8.64 11.45
CA ALA A 90 -9.67 -8.91 12.74
C ALA A 90 -9.14 -8.03 13.86
N CYS A 91 -7.83 -7.86 13.92
CA CYS A 91 -7.22 -7.09 14.99
C CYS A 91 -7.77 -5.71 15.31
N SER A 92 -8.56 -5.14 14.41
CA SER A 92 -9.13 -3.83 14.69
C SER A 92 -10.42 -3.90 15.51
N HIS A 93 -10.89 -5.12 15.81
CA HIS A 93 -12.12 -5.30 16.57
C HIS A 93 -11.96 -5.96 17.94
N PHE A 94 -10.77 -6.46 18.24
CA PHE A 94 -10.54 -7.11 19.52
C PHE A 94 -9.21 -6.65 20.10
N GLU A 95 -9.26 -6.09 21.31
CA GLU A 95 -8.08 -5.56 22.00
C GLU A 95 -7.19 -6.59 22.66
N ASP A 96 -7.77 -7.74 23.01
CA ASP A 96 -6.99 -8.81 23.63
C ASP A 96 -6.99 -9.99 22.65
N ILE A 97 -5.85 -10.26 22.03
CA ILE A 97 -5.76 -11.35 21.09
C ILE A 97 -4.80 -12.44 21.55
N THR A 98 -5.27 -13.69 21.47
CA THR A 98 -4.48 -14.85 21.89
C THR A 98 -4.18 -15.76 20.69
N MET A 99 -2.90 -15.92 20.39
CA MET A 99 -2.51 -16.79 19.29
C MET A 99 -2.06 -18.13 19.85
N THR A 100 -2.21 -19.20 19.06
CA THR A 100 -1.83 -20.53 19.54
C THR A 100 -1.19 -21.45 18.49
N ASP A 101 -0.77 -22.61 18.96
CA ASP A 101 -0.21 -23.65 18.11
C ASP A 101 0.50 -24.73 18.92
N PHE A 102 0.38 -25.95 18.43
CA PHE A 102 0.94 -27.13 19.06
C PHE A 102 2.46 -27.22 19.00
N LEU A 103 3.05 -26.69 17.94
CA LEU A 103 4.51 -26.77 17.78
C LEU A 103 5.27 -25.60 18.35
N GLU A 104 6.37 -25.90 19.04
CA GLU A 104 7.21 -24.87 19.64
C GLU A 104 7.87 -24.01 18.55
N VAL A 105 8.31 -24.66 17.49
CA VAL A 105 8.96 -23.97 16.37
C VAL A 105 8.09 -22.85 15.80
N ASN A 106 6.79 -23.11 15.70
CA ASN A 106 5.86 -22.14 15.15
C ASN A 106 5.69 -20.98 16.10
N ARG A 107 5.46 -21.26 17.38
CA ARG A 107 5.28 -20.19 18.35
C ARG A 107 6.50 -19.29 18.31
N GLN A 108 7.66 -19.85 18.00
CA GLN A 108 8.88 -19.04 17.92
C GLN A 108 8.86 -18.20 16.67
N GLU A 109 8.48 -18.81 15.54
CA GLU A 109 8.44 -18.10 14.27
C GLU A 109 7.48 -16.91 14.36
N LEU A 110 6.42 -17.04 15.15
CA LEU A 110 5.44 -15.97 15.35
C LEU A 110 6.09 -14.88 16.20
N GLY A 111 6.78 -15.30 17.26
CA GLY A 111 7.43 -14.36 18.15
C GLY A 111 8.41 -13.52 17.38
N ARG A 112 9.15 -14.13 16.48
CA ARG A 112 10.11 -13.36 15.69
C ARG A 112 9.42 -12.26 14.89
N TRP A 113 8.23 -12.53 14.37
CA TRP A 113 7.51 -11.50 13.63
C TRP A 113 6.92 -10.47 14.58
N LEU A 114 6.31 -10.95 15.66
CA LEU A 114 5.72 -10.08 16.67
C LEU A 114 6.70 -9.11 17.34
N GLN A 115 7.93 -9.55 17.58
CA GLN A 115 8.96 -8.72 18.22
C GLN A 115 9.75 -7.94 17.19
N GLU A 116 9.55 -8.25 15.91
CA GLU A 116 10.29 -7.61 14.82
C GLU A 116 11.73 -8.06 14.85
N GLU A 117 11.94 -9.29 15.29
CA GLU A 117 13.29 -9.86 15.38
C GLU A 117 13.77 -10.22 13.99
N PRO A 118 15.08 -10.43 13.84
CA PRO A 118 15.64 -10.77 12.54
C PRO A 118 15.17 -12.14 12.06
N GLY A 119 15.13 -12.31 10.73
CA GLY A 119 14.71 -13.57 10.16
C GLY A 119 13.24 -13.87 10.25
N ALA A 120 12.42 -12.87 10.55
CA ALA A 120 10.97 -13.06 10.64
C ALA A 120 10.40 -13.03 9.24
N PHE A 121 9.33 -13.80 9.01
CA PHE A 121 8.70 -13.84 7.70
C PHE A 121 8.11 -12.47 7.40
N ASN A 122 8.20 -12.03 6.16
CA ASN A 122 7.67 -10.73 5.75
C ASN A 122 6.21 -10.77 5.30
N TRP A 123 5.32 -10.20 6.11
CA TRP A 123 3.89 -10.19 5.80
C TRP A 123 3.38 -8.84 5.30
N SER A 124 4.28 -7.90 5.05
CA SER A 124 3.90 -6.57 4.59
C SER A 124 2.91 -6.62 3.43
N MET A 125 3.26 -7.37 2.38
CA MET A 125 2.41 -7.52 1.21
C MET A 125 0.96 -7.78 1.59
N TYR A 126 0.78 -8.64 2.59
CA TYR A 126 -0.54 -9.01 3.08
C TYR A 126 -1.18 -7.86 3.86
N SER A 127 -0.42 -7.28 4.78
CA SER A 127 -0.90 -6.16 5.60
C SER A 127 -1.43 -5.12 4.61
N GLN A 128 -0.62 -4.85 3.59
CA GLN A 128 -0.95 -3.90 2.53
C GLN A 128 -2.27 -4.23 1.86
N HIS A 129 -2.39 -5.45 1.35
CA HIS A 129 -3.63 -5.82 0.68
C HIS A 129 -4.82 -5.75 1.62
N ALA A 130 -4.62 -6.12 2.88
CA ALA A 130 -5.71 -6.08 3.85
C ALA A 130 -6.16 -4.64 4.01
N CYS A 131 -5.20 -3.72 4.10
CA CYS A 131 -5.50 -2.30 4.23
C CYS A 131 -6.24 -1.82 3.00
N LEU A 132 -5.78 -2.29 1.84
CA LEU A 132 -6.38 -1.93 0.57
C LEU A 132 -7.83 -2.39 0.51
N ILE A 133 -8.05 -3.66 0.81
CA ILE A 133 -9.39 -4.23 0.80
C ILE A 133 -10.33 -3.50 1.77
N GLU A 134 -9.84 -3.18 2.95
CA GLU A 134 -10.67 -2.51 3.93
C GLU A 134 -11.05 -1.11 3.50
N GLY A 135 -10.09 -0.40 2.91
CA GLY A 135 -10.36 0.94 2.43
C GLY A 135 -10.66 1.99 3.48
N LYS A 136 -9.96 1.94 4.60
CA LYS A 136 -10.15 2.93 5.65
C LYS A 136 -8.92 3.83 5.58
N GLY A 137 -8.33 3.90 4.40
CA GLY A 137 -7.15 4.72 4.17
C GLY A 137 -5.98 4.48 5.09
N GLU A 138 -6.00 3.34 5.78
CA GLU A 138 -4.93 2.99 6.70
C GLU A 138 -3.67 2.50 6.00
N CYS A 139 -2.52 2.93 6.52
CA CYS A 139 -1.24 2.50 5.96
C CYS A 139 -0.96 1.14 6.61
N TRP A 140 -0.19 0.28 5.94
CA TRP A 140 0.08 -1.04 6.48
C TRP A 140 0.92 -1.06 7.74
N GLN A 141 1.82 -0.09 7.89
CA GLN A 141 2.65 -0.04 9.08
C GLN A 141 1.77 0.08 10.32
N ASP A 142 0.73 0.92 10.21
CA ASP A 142 -0.21 1.13 11.30
C ASP A 142 -1.00 -0.12 11.63
N LYS A 143 -1.39 -0.85 10.59
CA LYS A 143 -2.14 -2.09 10.74
C LYS A 143 -1.29 -3.12 11.48
N GLU A 144 -0.03 -3.25 11.07
CA GLU A 144 0.88 -4.21 11.72
C GLU A 144 1.15 -3.81 13.17
N ARG A 145 1.32 -2.51 13.38
CA ARG A 145 1.57 -1.95 14.70
C ARG A 145 0.42 -2.34 15.64
N GLN A 146 -0.81 -2.20 15.17
CA GLN A 146 -2.00 -2.54 15.96
C GLN A 146 -2.05 -4.05 16.29
N LEU A 147 -1.81 -4.88 15.28
CA LEU A 147 -1.82 -6.33 15.48
C LEU A 147 -0.79 -6.69 16.54
N ARG A 148 0.46 -6.34 16.27
CA ARG A 148 1.55 -6.62 17.19
C ARG A 148 1.22 -6.20 18.63
N ALA A 149 0.42 -5.15 18.76
CA ALA A 149 0.04 -4.62 20.06
C ALA A 149 -1.06 -5.44 20.72
N ARG A 150 -2.11 -5.76 19.97
CA ARG A 150 -3.22 -6.51 20.53
C ARG A 150 -2.97 -8.01 20.76
N VAL A 151 -1.89 -8.54 20.20
CA VAL A 151 -1.58 -9.94 20.43
C VAL A 151 -0.84 -9.96 21.76
N LYS A 152 -1.57 -10.32 22.81
CA LYS A 152 -1.01 -10.36 24.15
C LYS A 152 -0.12 -11.58 24.41
N ARG A 153 -0.63 -12.77 24.11
CA ARG A 153 0.14 -13.98 24.35
C ARG A 153 0.17 -14.95 23.17
N VAL A 154 1.05 -15.94 23.27
CA VAL A 154 1.21 -17.00 22.28
C VAL A 154 1.32 -18.29 23.09
N LEU A 155 0.19 -18.99 23.25
CA LEU A 155 0.17 -20.20 24.07
C LEU A 155 0.10 -21.53 23.34
N PRO A 156 0.77 -22.56 23.88
CA PRO A 156 0.72 -23.88 23.23
C PRO A 156 -0.71 -24.38 23.38
N ILE A 157 -1.17 -25.14 22.38
CA ILE A 157 -2.54 -25.63 22.40
C ILE A 157 -2.61 -27.04 21.81
N ASP A 158 -3.71 -27.74 22.11
CA ASP A 158 -3.95 -29.09 21.60
C ASP A 158 -5.45 -29.28 21.43
N VAL A 159 -5.91 -29.21 20.20
CA VAL A 159 -7.33 -29.34 19.92
C VAL A 159 -7.87 -30.74 20.20
N HIS A 160 -6.97 -31.67 20.53
CA HIS A 160 -7.36 -33.05 20.82
C HIS A 160 -7.78 -33.23 22.27
N GLN A 161 -7.31 -32.33 23.13
CA GLN A 161 -7.65 -32.38 24.55
C GLN A 161 -8.97 -31.64 24.73
N PRO A 162 -9.87 -32.16 25.59
CA PRO A 162 -11.19 -31.56 25.87
C PRO A 162 -11.08 -30.10 26.31
N GLN A 163 -9.97 -29.76 26.95
CA GLN A 163 -9.68 -28.40 27.40
C GLN A 163 -8.44 -28.02 26.59
N PRO A 164 -8.63 -27.73 25.29
CA PRO A 164 -7.57 -27.36 24.35
C PRO A 164 -6.39 -26.58 24.92
N LEU A 165 -6.68 -25.51 25.65
CA LEU A 165 -5.62 -24.70 26.24
C LEU A 165 -5.08 -25.26 27.55
N GLY A 166 -5.87 -26.09 28.22
CA GLY A 166 -5.43 -26.67 29.47
C GLY A 166 -6.31 -26.29 30.64
N ALA A 167 -5.69 -26.18 31.82
CA ALA A 167 -6.41 -25.84 33.04
C ALA A 167 -6.37 -24.35 33.35
N GLY A 168 -5.18 -23.86 33.74
CA GLY A 168 -5.05 -22.45 34.05
C GLY A 168 -4.34 -21.71 32.92
N SER A 169 -5.11 -21.33 31.92
CA SER A 169 -4.56 -20.63 30.77
C SER A 169 -4.58 -19.13 30.95
N PRO A 170 -3.46 -18.45 30.62
CA PRO A 170 -3.33 -17.00 30.73
C PRO A 170 -4.32 -16.27 29.81
N ALA A 171 -4.97 -17.04 28.93
CA ALA A 171 -5.92 -16.51 27.97
C ALA A 171 -7.30 -16.26 28.55
N PRO A 172 -7.85 -15.04 28.36
CA PRO A 172 -9.18 -14.72 28.87
C PRO A 172 -10.21 -15.69 28.31
N LEU A 173 -10.91 -16.40 29.19
CA LEU A 173 -11.94 -17.34 28.78
C LEU A 173 -13.27 -16.98 29.43
N PRO A 174 -14.39 -17.16 28.72
CA PRO A 174 -14.41 -17.66 27.35
C PRO A 174 -14.26 -16.47 26.40
N ALA A 175 -13.58 -16.68 25.29
CA ALA A 175 -13.37 -15.61 24.31
C ALA A 175 -14.69 -15.13 23.71
N ASP A 176 -14.65 -13.94 23.11
CA ASP A 176 -15.84 -13.37 22.47
C ASP A 176 -15.95 -13.94 21.05
N ALA A 177 -14.81 -14.35 20.51
CA ALA A 177 -14.75 -14.91 19.16
C ALA A 177 -13.53 -15.82 18.94
N LEU A 178 -13.64 -16.68 17.92
CA LEU A 178 -12.56 -17.61 17.56
C LEU A 178 -12.22 -17.51 16.08
N VAL A 179 -10.98 -17.85 15.76
CA VAL A 179 -10.52 -17.84 14.37
C VAL A 179 -9.57 -19.00 14.20
N SER A 180 -9.74 -19.76 13.13
CA SER A 180 -8.85 -20.89 12.88
C SER A 180 -8.77 -21.16 11.40
N ALA A 181 -7.56 -21.16 10.88
CA ALA A 181 -7.36 -21.40 9.47
C ALA A 181 -6.43 -22.58 9.22
N PHE A 182 -6.95 -23.59 8.52
CA PHE A 182 -6.19 -24.78 8.16
C PHE A 182 -5.66 -25.60 9.33
N CYS A 183 -6.43 -25.70 10.41
CA CYS A 183 -5.99 -26.48 11.57
C CYS A 183 -6.76 -27.79 11.74
N LEU A 184 -8.00 -27.68 12.21
CA LEU A 184 -8.82 -28.85 12.44
C LEU A 184 -8.68 -29.99 11.44
N GLU A 185 -8.81 -29.71 10.15
CA GLU A 185 -8.71 -30.78 9.17
C GLU A 185 -7.27 -31.24 8.97
N ALA A 186 -6.31 -30.42 9.35
CA ALA A 186 -4.91 -30.80 9.16
C ALA A 186 -4.40 -31.63 10.33
N VAL A 187 -5.22 -31.80 11.34
CA VAL A 187 -4.81 -32.58 12.51
C VAL A 187 -5.81 -33.66 12.88
N SER A 188 -6.69 -33.99 11.95
CA SER A 188 -7.70 -35.00 12.20
C SER A 188 -7.54 -36.11 11.15
N PRO A 189 -7.49 -37.36 11.59
CA PRO A 189 -7.34 -38.50 10.67
C PRO A 189 -8.64 -38.84 9.96
N ASP A 190 -9.76 -38.44 10.55
CA ASP A 190 -11.06 -38.74 9.96
C ASP A 190 -12.11 -37.74 10.41
N LEU A 191 -13.31 -37.86 9.87
CA LEU A 191 -14.38 -36.95 10.22
C LEU A 191 -14.72 -36.89 11.71
N ALA A 192 -14.80 -38.04 12.36
CA ALA A 192 -15.13 -38.10 13.78
C ALA A 192 -14.18 -37.24 14.59
N SER A 193 -12.88 -37.39 14.37
CA SER A 193 -11.88 -36.61 15.10
C SER A 193 -12.16 -35.14 14.81
N PHE A 194 -12.27 -34.82 13.52
CA PHE A 194 -12.54 -33.47 13.08
C PHE A 194 -13.65 -32.89 13.93
N GLN A 195 -14.79 -33.58 13.94
CA GLN A 195 -15.97 -33.18 14.71
C GLN A 195 -15.65 -32.89 16.17
N ARG A 196 -14.95 -33.81 16.82
CA ARG A 196 -14.59 -33.61 18.23
C ARG A 196 -13.72 -32.38 18.45
N ALA A 197 -12.60 -32.29 17.73
CA ALA A 197 -11.70 -31.14 17.85
C ALA A 197 -12.48 -29.83 17.62
N LEU A 198 -13.62 -29.92 16.94
CA LEU A 198 -14.46 -28.75 16.72
C LEU A 198 -15.23 -28.52 18.01
N ASP A 199 -15.79 -29.59 18.56
CA ASP A 199 -16.53 -29.48 19.81
C ASP A 199 -15.56 -28.96 20.87
N HIS A 200 -14.36 -29.54 20.91
CA HIS A 200 -13.35 -29.15 21.89
C HIS A 200 -13.05 -27.65 21.94
N ILE A 201 -12.76 -27.04 20.79
CA ILE A 201 -12.46 -25.61 20.77
C ILE A 201 -13.71 -24.77 20.98
N THR A 202 -14.85 -25.30 20.57
CA THR A 202 -16.11 -24.57 20.71
C THR A 202 -16.34 -24.18 22.17
N THR A 203 -15.83 -25.01 23.09
CA THR A 203 -15.99 -24.79 24.53
C THR A 203 -15.30 -23.53 25.02
N LEU A 204 -14.31 -23.08 24.23
CA LEU A 204 -13.53 -21.88 24.53
C LEU A 204 -14.26 -20.60 24.14
N LEU A 205 -15.26 -20.73 23.28
CA LEU A 205 -16.00 -19.59 22.80
C LEU A 205 -17.27 -19.31 23.60
N ARG A 206 -17.38 -18.08 24.08
CA ARG A 206 -18.52 -17.60 24.86
C ARG A 206 -19.80 -17.65 24.02
N PRO A 207 -20.87 -18.27 24.55
CA PRO A 207 -22.16 -18.37 23.85
C PRO A 207 -22.54 -17.10 23.10
N GLY A 208 -23.19 -17.27 21.95
CA GLY A 208 -23.58 -16.13 21.15
C GLY A 208 -22.38 -15.51 20.48
N GLY A 209 -21.23 -16.16 20.67
CA GLY A 209 -19.99 -15.67 20.08
C GLY A 209 -19.88 -16.03 18.61
N HIS A 210 -18.79 -15.60 17.99
CA HIS A 210 -18.57 -15.84 16.57
C HIS A 210 -17.32 -16.68 16.27
N LEU A 211 -17.43 -17.54 15.28
CA LEU A 211 -16.32 -18.38 14.85
C LEU A 211 -16.09 -18.13 13.38
N LEU A 212 -14.84 -17.91 13.02
CA LEU A 212 -14.48 -17.68 11.63
C LEU A 212 -13.47 -18.76 11.33
N LEU A 213 -13.92 -19.78 10.61
CA LEU A 213 -13.08 -20.92 10.27
C LEU A 213 -12.69 -20.95 8.80
N ILE A 214 -11.42 -21.20 8.52
CA ILE A 214 -10.93 -21.31 7.14
C ILE A 214 -10.29 -22.70 7.05
N GLY A 215 -10.21 -23.26 5.84
CA GLY A 215 -9.60 -24.57 5.73
C GLY A 215 -9.56 -25.16 4.32
N ALA A 216 -8.88 -26.29 4.21
CA ALA A 216 -8.75 -26.96 2.92
C ALA A 216 -9.92 -27.88 2.59
N LEU A 217 -10.39 -27.83 1.34
CA LEU A 217 -11.48 -28.68 0.92
C LEU A 217 -10.97 -29.89 0.16
N GLU A 218 -11.34 -31.08 0.63
CA GLU A 218 -10.94 -32.31 -0.03
C GLU A 218 -9.45 -32.60 -0.07
N GLU A 219 -8.71 -32.05 0.89
CA GLU A 219 -7.28 -32.28 0.93
C GLU A 219 -6.97 -33.49 1.81
N SER A 220 -6.12 -34.38 1.31
CA SER A 220 -5.73 -35.56 2.07
C SER A 220 -4.27 -35.56 2.52
N TRP A 221 -3.50 -34.58 2.07
CA TRP A 221 -2.09 -34.49 2.47
C TRP A 221 -1.45 -33.20 1.98
N TYR A 222 -0.42 -32.75 2.67
CA TYR A 222 0.30 -31.55 2.27
C TYR A 222 1.68 -31.62 2.89
N LEU A 223 2.67 -31.12 2.17
CA LEU A 223 4.05 -31.18 2.64
C LEU A 223 4.46 -29.94 3.44
N ALA A 224 5.41 -30.13 4.33
CA ALA A 224 5.93 -29.07 5.16
C ALA A 224 7.40 -29.33 5.42
N GLY A 225 8.20 -29.33 4.36
CA GLY A 225 9.62 -29.59 4.51
C GLY A 225 9.84 -31.09 4.49
N GLU A 226 10.39 -31.63 5.57
CA GLU A 226 10.64 -33.06 5.62
C GLU A 226 9.34 -33.77 5.97
N ALA A 227 8.49 -33.12 6.75
CA ALA A 227 7.22 -33.68 7.19
C ALA A 227 6.11 -33.76 6.15
N ARG A 228 5.40 -34.88 6.15
CA ARG A 228 4.27 -35.15 5.26
C ARG A 228 3.07 -35.38 6.14
N LEU A 229 2.05 -34.53 6.02
CA LEU A 229 0.87 -34.65 6.85
C LEU A 229 -0.31 -35.35 6.15
N THR A 230 -0.92 -36.30 6.84
CA THR A 230 -2.07 -37.01 6.29
C THR A 230 -3.31 -36.35 6.84
N VAL A 231 -4.09 -35.76 5.94
CA VAL A 231 -5.28 -35.03 6.29
C VAL A 231 -6.56 -35.81 6.02
N VAL A 232 -7.65 -35.32 6.61
CA VAL A 232 -8.98 -35.89 6.42
C VAL A 232 -9.62 -35.00 5.36
N PRO A 233 -9.88 -35.55 4.17
CA PRO A 233 -10.50 -34.75 3.11
C PRO A 233 -11.96 -34.46 3.41
N VAL A 234 -12.30 -33.18 3.53
CA VAL A 234 -13.67 -32.79 3.85
C VAL A 234 -14.32 -31.85 2.85
N SER A 235 -15.62 -32.02 2.65
CA SER A 235 -16.37 -31.19 1.71
C SER A 235 -17.01 -30.01 2.42
N GLU A 236 -17.69 -29.16 1.65
CA GLU A 236 -18.37 -27.99 2.18
C GLU A 236 -19.62 -28.34 3.01
N GLU A 237 -20.33 -29.40 2.62
CA GLU A 237 -21.54 -29.81 3.36
C GLU A 237 -21.09 -30.52 4.64
N GLU A 238 -20.02 -31.30 4.55
CA GLU A 238 -19.50 -31.99 5.73
C GLU A 238 -19.05 -30.94 6.75
N VAL A 239 -18.52 -29.83 6.25
CA VAL A 239 -18.06 -28.76 7.12
C VAL A 239 -19.27 -28.06 7.71
N ARG A 240 -20.30 -27.85 6.90
CA ARG A 240 -21.52 -27.19 7.37
C ARG A 240 -22.17 -28.03 8.46
N GLU A 241 -22.49 -29.29 8.12
CA GLU A 241 -23.12 -30.21 9.05
C GLU A 241 -22.32 -30.29 10.33
N ALA A 242 -21.00 -30.39 10.21
CA ALA A 242 -20.14 -30.47 11.39
C ALA A 242 -20.29 -29.24 12.30
N LEU A 243 -20.46 -28.06 11.69
CA LEU A 243 -20.60 -26.82 12.44
C LEU A 243 -21.93 -26.82 13.17
N VAL A 244 -22.94 -27.38 12.51
CA VAL A 244 -24.29 -27.47 13.05
C VAL A 244 -24.28 -28.37 14.28
N ARG A 245 -23.74 -29.58 14.10
CA ARG A 245 -23.66 -30.56 15.20
C ARG A 245 -22.98 -29.97 16.42
N SER A 246 -21.95 -29.15 16.22
CA SER A 246 -21.23 -28.55 17.32
C SER A 246 -21.92 -27.33 17.93
N GLY A 247 -23.19 -27.12 17.61
CA GLY A 247 -23.95 -26.02 18.19
C GLY A 247 -23.86 -24.63 17.59
N TYR A 248 -23.53 -24.52 16.30
CA TYR A 248 -23.40 -23.21 15.64
C TYR A 248 -24.50 -22.97 14.61
N LYS A 249 -24.66 -21.70 14.22
CA LYS A 249 -25.62 -21.35 13.17
C LYS A 249 -24.72 -20.77 12.08
N VAL A 250 -24.76 -21.38 10.91
CA VAL A 250 -23.93 -20.93 9.79
C VAL A 250 -24.36 -19.60 9.19
N ARG A 251 -23.71 -18.52 9.61
CA ARG A 251 -24.00 -17.20 9.09
C ARG A 251 -23.58 -17.12 7.62
N ASP A 252 -22.41 -17.65 7.29
CA ASP A 252 -21.96 -17.63 5.91
C ASP A 252 -20.96 -18.76 5.62
N LEU A 253 -20.96 -19.25 4.38
CA LEU A 253 -20.08 -20.35 3.95
C LEU A 253 -19.81 -20.20 2.45
N ARG A 254 -18.55 -19.94 2.09
CA ARG A 254 -18.15 -19.77 0.69
C ARG A 254 -17.00 -20.69 0.30
N THR A 255 -16.87 -20.97 -0.99
CA THR A 255 -15.82 -21.84 -1.48
C THR A 255 -14.96 -21.24 -2.57
N TYR A 256 -13.68 -21.60 -2.55
CA TYR A 256 -12.74 -21.14 -3.56
C TYR A 256 -12.18 -22.42 -4.16
N ILE A 257 -12.47 -22.65 -5.43
CA ILE A 257 -11.94 -23.83 -6.09
C ILE A 257 -10.54 -23.47 -6.56
N MET A 258 -9.56 -24.28 -6.15
CA MET A 258 -8.17 -24.04 -6.50
C MET A 258 -7.96 -24.10 -8.01
N PRO A 259 -7.28 -23.10 -8.59
CA PRO A 259 -7.07 -23.15 -10.03
C PRO A 259 -5.93 -24.12 -10.29
N ALA A 260 -5.75 -24.52 -11.54
CA ALA A 260 -4.69 -25.46 -11.89
C ALA A 260 -3.30 -24.85 -11.70
N HIS A 261 -3.17 -23.55 -11.96
CA HIS A 261 -1.86 -22.93 -11.82
C HIS A 261 -1.44 -22.82 -10.34
N LEU A 262 -2.38 -23.01 -9.43
CA LEU A 262 -2.03 -22.96 -8.01
C LEU A 262 -1.83 -24.35 -7.43
N GLN A 263 -1.81 -25.34 -8.31
CA GLN A 263 -1.57 -26.70 -7.92
C GLN A 263 -0.09 -26.88 -8.12
N THR A 264 0.67 -26.52 -7.08
CA THR A 264 2.12 -26.53 -7.13
C THR A 264 2.87 -27.83 -6.77
N GLY A 265 2.14 -28.85 -6.31
CA GLY A 265 2.80 -30.08 -5.97
C GLY A 265 3.01 -30.27 -4.48
N VAL A 266 2.81 -29.21 -3.70
CA VAL A 266 3.00 -29.29 -2.25
C VAL A 266 1.84 -29.96 -1.54
N ASP A 267 0.77 -30.24 -2.26
CA ASP A 267 -0.37 -30.91 -1.66
C ASP A 267 -1.34 -31.36 -2.72
N ASP A 268 -2.50 -31.82 -2.30
CA ASP A 268 -3.55 -32.28 -3.22
C ASP A 268 -4.88 -31.55 -2.96
N VAL A 269 -4.81 -30.37 -2.36
CA VAL A 269 -6.02 -29.58 -2.06
C VAL A 269 -6.84 -29.31 -3.34
N LYS A 270 -8.15 -29.28 -3.20
CA LYS A 270 -9.02 -29.02 -4.36
C LYS A 270 -9.58 -27.61 -4.28
N GLY A 271 -9.86 -27.16 -3.06
CA GLY A 271 -10.37 -25.82 -2.84
C GLY A 271 -10.14 -25.38 -1.39
N VAL A 272 -10.58 -24.17 -1.08
CA VAL A 272 -10.45 -23.65 0.28
C VAL A 272 -11.85 -23.17 0.69
N PHE A 273 -12.17 -23.26 1.98
CA PHE A 273 -13.49 -22.81 2.42
C PHE A 273 -13.40 -21.75 3.50
N PHE A 274 -14.48 -20.98 3.65
CA PHE A 274 -14.56 -19.94 4.66
C PHE A 274 -15.91 -20.03 5.36
N ALA A 275 -15.89 -20.10 6.69
CA ALA A 275 -17.15 -20.20 7.44
C ALA A 275 -17.31 -19.15 8.52
N TRP A 276 -18.51 -18.60 8.61
CA TRP A 276 -18.83 -17.61 9.64
C TRP A 276 -19.91 -18.27 10.48
N ALA A 277 -19.52 -18.77 11.65
CA ALA A 277 -20.46 -19.42 12.54
C ALA A 277 -20.64 -18.63 13.83
N GLN A 278 -21.75 -18.91 14.50
CA GLN A 278 -22.08 -18.23 15.74
C GLN A 278 -22.68 -19.22 16.73
N LYS A 279 -22.05 -19.30 17.91
CA LYS A 279 -22.50 -20.23 18.93
C LYS A 279 -23.88 -19.86 19.45
N VAL A 280 -24.83 -20.76 19.22
CA VAL A 280 -26.20 -20.53 19.67
C VAL A 280 -26.57 -21.60 20.68
N PRO B 14 12.90 44.75 -18.11
CA PRO B 14 14.35 44.84 -17.87
C PRO B 14 15.11 43.66 -18.46
N ASP B 15 16.10 43.15 -17.73
CA ASP B 15 16.95 42.07 -18.23
C ASP B 15 16.67 40.79 -17.45
N SER B 16 16.56 39.66 -18.15
CA SER B 16 16.27 38.38 -17.50
C SER B 16 17.50 37.49 -17.27
N ALA B 17 18.41 37.48 -18.24
CA ALA B 17 19.63 36.67 -18.20
C ALA B 17 20.33 36.59 -16.85
N PRO B 18 20.71 37.75 -16.27
CA PRO B 18 21.39 37.75 -14.97
C PRO B 18 20.74 36.84 -13.94
N GLY B 19 19.45 37.05 -13.71
CA GLY B 19 18.75 36.23 -12.75
C GLY B 19 18.85 34.77 -13.12
N GLN B 20 18.62 34.47 -14.39
CA GLN B 20 18.69 33.10 -14.86
C GLN B 20 20.04 32.47 -14.52
N ALA B 21 21.12 33.11 -14.95
CA ALA B 21 22.47 32.62 -14.73
C ALA B 21 22.75 32.32 -13.25
N ALA B 22 22.08 33.04 -12.36
CA ALA B 22 22.26 32.82 -10.92
C ALA B 22 21.63 31.48 -10.58
N VAL B 23 20.40 31.26 -11.06
CA VAL B 23 19.66 30.03 -10.85
C VAL B 23 20.45 28.84 -11.41
N ALA B 24 20.73 28.88 -12.71
CA ALA B 24 21.50 27.81 -13.37
C ALA B 24 22.75 27.44 -12.56
N SER B 25 23.49 28.46 -12.14
CA SER B 25 24.70 28.26 -11.37
C SER B 25 24.39 27.53 -10.07
N ALA B 26 23.49 28.11 -9.29
CA ALA B 26 23.10 27.54 -8.01
C ALA B 26 22.68 26.07 -8.18
N TYR B 27 21.97 25.79 -9.27
CA TYR B 27 21.47 24.45 -9.53
C TYR B 27 22.52 23.49 -10.08
N GLN B 28 23.78 23.92 -10.10
CA GLN B 28 24.87 23.01 -10.45
C GLN B 28 25.37 22.21 -9.25
N ARG B 29 24.91 22.57 -8.05
CA ARG B 29 25.32 21.86 -6.85
C ARG B 29 24.19 21.02 -6.27
N PHE B 30 23.07 20.99 -6.98
CA PHE B 30 21.89 20.23 -6.56
C PHE B 30 22.26 18.75 -6.43
N GLU B 31 22.05 18.16 -5.26
CA GLU B 31 22.35 16.74 -5.01
C GLU B 31 21.04 15.95 -4.82
N PRO B 32 20.60 15.20 -5.85
CA PRO B 32 19.37 14.40 -5.83
C PRO B 32 19.08 13.63 -4.55
N ARG B 33 20.08 12.92 -4.05
CA ARG B 33 19.94 12.12 -2.82
C ARG B 33 19.59 12.97 -1.59
N ALA B 34 20.28 14.09 -1.42
CA ALA B 34 20.00 14.97 -0.29
C ALA B 34 18.57 15.48 -0.45
N TYR B 35 18.25 15.92 -1.66
CA TYR B 35 16.93 16.42 -1.98
C TYR B 35 15.87 15.39 -1.61
N LEU B 36 16.04 14.16 -2.12
CA LEU B 36 15.10 13.08 -1.83
C LEU B 36 14.94 12.83 -0.32
N ARG B 37 16.06 12.72 0.40
CA ARG B 37 16.00 12.49 1.83
C ARG B 37 15.32 13.63 2.56
N ASN B 38 15.65 14.85 2.19
CA ASN B 38 15.08 16.03 2.82
C ASN B 38 13.59 16.19 2.62
N ASN B 39 13.10 15.82 1.44
CA ASN B 39 11.70 16.00 1.14
C ASN B 39 10.82 14.77 1.03
N TYR B 40 11.39 13.62 0.70
CA TYR B 40 10.55 12.45 0.55
C TYR B 40 10.75 11.29 1.50
N ALA B 41 11.80 11.35 2.31
CA ALA B 41 12.01 10.31 3.31
C ALA B 41 11.28 10.89 4.51
N PRO B 42 10.99 10.10 5.54
CA PRO B 42 10.29 10.67 6.70
C PRO B 42 11.13 11.77 7.36
N PRO B 43 10.49 12.69 8.10
CA PRO B 43 9.06 12.85 8.42
C PRO B 43 8.14 13.28 7.28
N ARG B 44 8.68 14.06 6.34
CA ARG B 44 7.88 14.54 5.21
C ARG B 44 7.40 13.44 4.27
N GLY B 45 8.17 12.36 4.15
CA GLY B 45 7.79 11.26 3.29
C GLY B 45 6.89 10.26 3.99
N ASP B 46 6.49 10.56 5.22
CA ASP B 46 5.63 9.67 5.98
C ASP B 46 4.23 9.73 5.40
N LEU B 47 3.72 8.58 4.98
CA LEU B 47 2.39 8.54 4.39
C LEU B 47 1.37 7.93 5.34
N CYS B 48 1.81 7.53 6.54
CA CYS B 48 0.89 6.94 7.51
C CYS B 48 -0.01 7.96 8.19
N ASN B 49 0.57 9.08 8.60
CA ASN B 49 -0.22 10.13 9.24
C ASN B 49 -1.02 10.92 8.20
N PRO B 50 -2.34 10.85 8.28
CA PRO B 50 -3.28 11.52 7.38
C PRO B 50 -3.09 13.02 7.26
N ASN B 51 -2.59 13.63 8.32
CA ASN B 51 -2.39 15.07 8.36
C ASN B 51 -1.11 15.56 7.69
N GLY B 52 -0.16 14.65 7.48
CA GLY B 52 1.07 15.05 6.84
C GLY B 52 0.83 15.51 5.41
N VAL B 53 1.84 16.18 4.86
CA VAL B 53 1.78 16.72 3.50
C VAL B 53 1.65 15.63 2.44
N GLY B 54 2.31 14.50 2.67
CA GLY B 54 2.28 13.40 1.71
C GLY B 54 0.88 12.99 1.32
N PRO B 55 0.09 12.53 2.27
CA PRO B 55 -1.28 12.12 2.01
C PRO B 55 -2.08 13.22 1.31
N TRP B 56 -1.81 14.45 1.70
CA TRP B 56 -2.50 15.60 1.15
C TRP B 56 -2.27 15.83 -0.34
N ALA B 57 -1.02 15.79 -0.76
CA ALA B 57 -0.69 16.01 -2.17
C ALA B 57 -1.16 14.84 -3.02
N LEU B 58 -1.00 13.63 -2.49
CA LEU B 58 -1.41 12.43 -3.22
C LEU B 58 -2.91 12.43 -3.38
N ARG B 59 -3.61 12.87 -2.34
CA ARG B 59 -5.07 12.92 -2.37
C ARG B 59 -5.56 13.93 -3.40
N CYS B 60 -4.89 15.08 -3.48
CA CYS B 60 -5.27 16.11 -4.43
C CYS B 60 -5.13 15.54 -5.83
N LEU B 61 -4.00 14.94 -6.11
CA LEU B 61 -3.77 14.37 -7.44
C LEU B 61 -4.82 13.28 -7.76
N ALA B 62 -5.11 12.44 -6.77
CA ALA B 62 -6.08 11.36 -6.94
C ALA B 62 -7.47 11.88 -7.22
N GLN B 63 -7.98 12.72 -6.34
CA GLN B 63 -9.32 13.30 -6.49
C GLN B 63 -9.50 14.00 -7.81
N THR B 64 -8.48 14.74 -8.21
CA THR B 64 -8.55 15.47 -9.45
C THR B 64 -8.72 14.51 -10.61
N PHE B 65 -7.97 13.42 -10.62
CA PHE B 65 -8.08 12.50 -11.73
C PHE B 65 -9.35 11.68 -11.65
N ALA B 66 -9.87 11.57 -10.44
CA ALA B 66 -11.06 10.80 -10.18
C ALA B 66 -12.26 11.40 -10.90
N THR B 67 -12.26 12.72 -11.06
CA THR B 67 -13.37 13.40 -11.73
C THR B 67 -13.50 12.86 -13.14
N GLY B 68 -12.40 12.28 -13.64
CA GLY B 68 -12.37 11.73 -14.98
C GLY B 68 -12.22 12.84 -16.00
N GLU B 69 -12.32 14.09 -15.53
CA GLU B 69 -12.21 15.24 -16.42
C GLU B 69 -10.81 15.57 -16.97
N VAL B 70 -9.79 14.88 -16.49
CA VAL B 70 -8.46 15.15 -17.00
C VAL B 70 -7.97 13.90 -17.68
N SER B 71 -7.93 13.95 -19.01
CA SER B 71 -7.49 12.79 -19.78
C SER B 71 -6.96 13.16 -21.16
N GLY B 72 -6.56 12.15 -21.92
CA GLY B 72 -6.03 12.38 -23.24
C GLY B 72 -5.00 11.33 -23.60
N ARG B 73 -4.11 11.67 -24.52
CA ARG B 73 -3.10 10.73 -24.97
C ARG B 73 -1.74 11.04 -24.36
N THR B 74 -1.37 12.31 -24.33
CA THR B 74 -0.07 12.70 -23.82
C THR B 74 -0.07 13.61 -22.61
N LEU B 75 0.97 13.47 -21.80
CA LEU B 75 1.15 14.24 -20.59
C LEU B 75 2.60 14.71 -20.52
N ILE B 76 2.85 15.82 -19.84
CA ILE B 76 4.21 16.33 -19.71
C ILE B 76 4.45 16.78 -18.28
N ASP B 77 5.43 16.17 -17.62
CA ASP B 77 5.78 16.53 -16.25
C ASP B 77 6.86 17.60 -16.37
N ILE B 78 6.57 18.79 -15.86
CA ILE B 78 7.49 19.94 -15.92
C ILE B 78 8.43 19.99 -14.72
N GLY B 79 9.72 19.87 -14.99
CA GLY B 79 10.71 19.91 -13.92
C GLY B 79 10.53 18.76 -12.94
N SER B 80 10.46 17.55 -13.48
CA SER B 80 10.27 16.34 -12.68
C SER B 80 11.28 16.15 -11.55
N GLY B 81 12.51 16.60 -11.78
CA GLY B 81 13.56 16.42 -10.78
C GLY B 81 13.80 14.93 -10.66
N PRO B 82 14.10 14.43 -9.45
CA PRO B 82 14.35 13.00 -9.29
C PRO B 82 13.12 12.29 -8.69
N THR B 83 11.93 12.86 -8.90
CA THR B 83 10.74 12.28 -8.30
C THR B 83 9.73 11.75 -9.28
N VAL B 84 8.86 10.85 -8.81
CA VAL B 84 7.82 10.27 -9.67
C VAL B 84 6.40 10.26 -9.07
N TYR B 85 6.30 10.55 -7.77
CA TYR B 85 5.01 10.57 -7.10
C TYR B 85 3.98 11.37 -7.91
N GLN B 86 4.41 12.51 -8.44
CA GLN B 86 3.51 13.41 -9.14
C GLN B 86 2.85 12.76 -10.36
N LEU B 87 3.33 11.58 -10.74
CA LEU B 87 2.75 10.87 -11.88
C LEU B 87 2.01 9.58 -11.52
N LEU B 88 2.01 9.21 -10.24
CA LEU B 88 1.35 7.97 -9.81
C LEU B 88 -0.13 7.85 -10.17
N SER B 89 -0.95 8.82 -9.80
CA SER B 89 -2.36 8.75 -10.14
C SER B 89 -2.61 9.14 -11.58
N ALA B 90 -1.74 9.96 -12.14
CA ALA B 90 -1.89 10.39 -13.53
C ALA B 90 -1.60 9.32 -14.60
N CYS B 91 -0.73 8.36 -14.30
CA CYS B 91 -0.35 7.37 -15.31
C CYS B 91 -1.44 6.44 -15.82
N SER B 92 -2.54 6.32 -15.09
CA SER B 92 -3.60 5.45 -15.58
C SER B 92 -4.60 6.27 -16.38
N HIS B 93 -4.16 7.38 -16.97
CA HIS B 93 -5.03 8.26 -17.75
C HIS B 93 -4.39 8.78 -19.03
N PHE B 94 -3.08 8.54 -19.17
CA PHE B 94 -2.33 8.96 -20.36
C PHE B 94 -1.40 7.83 -20.75
N GLU B 95 -1.41 7.44 -22.02
CA GLU B 95 -0.55 6.33 -22.44
C GLU B 95 0.83 6.80 -22.87
N ASP B 96 1.02 8.11 -22.91
CA ASP B 96 2.32 8.67 -23.28
C ASP B 96 2.67 9.81 -22.34
N ILE B 97 3.63 9.53 -21.47
CA ILE B 97 4.10 10.50 -20.50
C ILE B 97 5.50 10.93 -20.87
N THR B 98 5.77 12.23 -20.75
CA THR B 98 7.09 12.80 -21.03
C THR B 98 7.62 13.37 -19.73
N MET B 99 8.81 12.93 -19.31
CA MET B 99 9.39 13.46 -18.08
C MET B 99 10.46 14.45 -18.47
N THR B 100 10.71 15.43 -17.61
CA THR B 100 11.71 16.44 -17.94
C THR B 100 12.45 17.05 -16.77
N ASP B 101 13.63 17.58 -17.05
CA ASP B 101 14.41 18.28 -16.05
C ASP B 101 15.61 19.01 -16.61
N PHE B 102 16.06 20.01 -15.86
CA PHE B 102 17.19 20.86 -16.25
C PHE B 102 18.51 20.10 -16.09
N LEU B 103 18.72 19.56 -14.90
CA LEU B 103 19.95 18.83 -14.56
C LEU B 103 20.01 17.40 -15.09
N GLU B 104 21.20 17.02 -15.56
CA GLU B 104 21.39 15.67 -16.04
C GLU B 104 21.35 14.69 -14.88
N VAL B 105 21.95 15.08 -13.75
CA VAL B 105 22.01 14.21 -12.59
C VAL B 105 20.61 13.76 -12.18
N ASN B 106 19.62 14.62 -12.43
CA ASN B 106 18.25 14.28 -12.09
C ASN B 106 17.70 13.31 -13.12
N ARG B 107 17.94 13.60 -14.40
CA ARG B 107 17.50 12.71 -15.45
C ARG B 107 18.11 11.31 -15.23
N GLN B 108 19.32 11.26 -14.69
CA GLN B 108 19.96 9.97 -14.43
C GLN B 108 19.35 9.30 -13.23
N GLU B 109 18.95 10.10 -12.25
CA GLU B 109 18.35 9.54 -11.07
C GLU B 109 17.00 8.93 -11.44
N LEU B 110 16.39 9.50 -12.48
CA LEU B 110 15.11 9.00 -12.97
C LEU B 110 15.39 7.74 -13.77
N GLY B 111 16.41 7.79 -14.62
CA GLY B 111 16.79 6.64 -15.42
C GLY B 111 17.03 5.40 -14.58
N ARG B 112 17.60 5.58 -13.39
CA ARG B 112 17.88 4.45 -12.53
C ARG B 112 16.59 3.85 -11.97
N TRP B 113 15.61 4.70 -11.70
CA TRP B 113 14.32 4.19 -11.21
C TRP B 113 13.62 3.43 -12.34
N LEU B 114 13.74 3.94 -13.54
CA LEU B 114 13.16 3.29 -14.73
C LEU B 114 13.71 1.87 -14.95
N GLN B 115 15.03 1.71 -14.80
CA GLN B 115 15.69 0.42 -15.00
C GLN B 115 15.50 -0.47 -13.79
N GLU B 116 14.75 0.01 -12.82
CA GLU B 116 14.48 -0.80 -11.64
C GLU B 116 15.72 -1.19 -10.86
N GLU B 117 16.75 -0.34 -10.91
CA GLU B 117 17.99 -0.64 -10.19
C GLU B 117 17.85 -0.50 -8.69
N PRO B 118 18.69 -1.21 -7.92
CA PRO B 118 18.67 -1.17 -6.45
C PRO B 118 19.15 0.17 -5.88
N GLY B 119 20.14 0.77 -6.52
CA GLY B 119 20.65 2.04 -6.03
C GLY B 119 19.69 3.18 -6.33
N ALA B 120 18.50 2.82 -6.81
CA ALA B 120 17.48 3.81 -7.13
C ALA B 120 16.73 4.15 -5.85
N PHE B 121 15.93 5.21 -5.90
CA PHE B 121 15.15 5.61 -4.74
C PHE B 121 13.92 4.71 -4.76
N ASN B 122 13.48 4.27 -3.59
CA ASN B 122 12.31 3.43 -3.50
C ASN B 122 11.03 4.23 -3.24
N TRP B 123 10.13 4.20 -4.22
CA TRP B 123 8.86 4.91 -4.13
C TRP B 123 7.70 3.98 -3.81
N SER B 124 7.98 2.70 -3.60
CA SER B 124 6.91 1.73 -3.32
C SER B 124 5.85 2.21 -2.32
N MET B 125 6.28 2.86 -1.23
CA MET B 125 5.35 3.37 -0.20
C MET B 125 4.34 4.31 -0.86
N TYR B 126 4.86 5.17 -1.74
CA TYR B 126 4.04 6.12 -2.47
C TYR B 126 3.13 5.36 -3.40
N SER B 127 3.72 4.43 -4.16
CA SER B 127 2.96 3.59 -5.08
C SER B 127 1.83 2.92 -4.35
N GLN B 128 2.14 2.37 -3.18
CA GLN B 128 1.14 1.70 -2.37
C GLN B 128 0.07 2.69 -1.93
N HIS B 129 0.48 3.80 -1.33
CA HIS B 129 -0.50 4.78 -0.87
C HIS B 129 -1.44 5.23 -1.98
N ALA B 130 -0.90 5.50 -3.17
CA ALA B 130 -1.72 5.92 -4.30
C ALA B 130 -2.83 4.89 -4.58
N CYS B 131 -2.45 3.63 -4.71
CA CYS B 131 -3.41 2.57 -4.99
C CYS B 131 -4.48 2.52 -3.90
N LEU B 132 -4.06 2.73 -2.66
CA LEU B 132 -4.97 2.71 -1.53
C LEU B 132 -6.00 3.82 -1.55
N ILE B 133 -5.66 5.01 -2.03
CA ILE B 133 -6.66 6.07 -2.02
C ILE B 133 -7.47 6.13 -3.29
N GLU B 134 -6.98 5.45 -4.33
CA GLU B 134 -7.68 5.40 -5.60
C GLU B 134 -8.76 4.31 -5.49
N GLY B 135 -8.61 3.47 -4.47
CA GLY B 135 -9.55 2.40 -4.19
C GLY B 135 -10.03 1.55 -5.36
N LYS B 136 -9.12 1.22 -6.26
CA LYS B 136 -9.48 0.38 -7.38
C LYS B 136 -8.88 -1.01 -7.11
N GLY B 137 -8.40 -1.20 -5.87
CA GLY B 137 -7.81 -2.48 -5.50
C GLY B 137 -6.49 -2.83 -6.19
N GLU B 138 -5.98 -1.93 -7.02
CA GLU B 138 -4.72 -2.17 -7.74
C GLU B 138 -3.55 -2.44 -6.79
N CYS B 139 -2.73 -3.43 -7.11
CA CYS B 139 -1.57 -3.73 -6.26
C CYS B 139 -0.51 -2.73 -6.69
N TRP B 140 0.31 -2.27 -5.77
CA TRP B 140 1.29 -1.26 -6.14
C TRP B 140 2.23 -1.61 -7.28
N GLN B 141 2.52 -2.90 -7.43
CA GLN B 141 3.43 -3.32 -8.49
C GLN B 141 2.86 -3.13 -9.89
N ASP B 142 1.54 -3.19 -10.02
CA ASP B 142 0.92 -3.00 -11.33
C ASP B 142 1.05 -1.55 -11.66
N LYS B 143 0.84 -0.71 -10.65
CA LYS B 143 0.92 0.74 -10.78
C LYS B 143 2.33 1.13 -11.22
N GLU B 144 3.34 0.55 -10.57
CA GLU B 144 4.73 0.86 -10.91
C GLU B 144 5.10 0.33 -12.28
N ARG B 145 4.50 -0.80 -12.64
CA ARG B 145 4.77 -1.43 -13.91
C ARG B 145 4.13 -0.58 -15.02
N GLN B 146 3.00 0.03 -14.71
CA GLN B 146 2.29 0.84 -15.69
C GLN B 146 2.97 2.19 -15.96
N LEU B 147 3.49 2.81 -14.91
CA LEU B 147 4.16 4.08 -15.04
C LEU B 147 5.42 3.91 -15.84
N ARG B 148 6.19 2.88 -15.55
CA ARG B 148 7.44 2.64 -16.28
C ARG B 148 7.17 2.34 -17.76
N ALA B 149 5.99 1.83 -18.06
CA ALA B 149 5.60 1.49 -19.43
C ALA B 149 5.20 2.73 -20.20
N ARG B 150 4.45 3.61 -19.55
CA ARG B 150 3.97 4.84 -20.18
C ARG B 150 4.93 6.04 -20.22
N VAL B 151 6.12 5.94 -19.64
CA VAL B 151 7.07 7.04 -19.69
C VAL B 151 7.82 6.82 -20.98
N LYS B 152 7.55 7.64 -21.99
CA LYS B 152 8.18 7.48 -23.32
C LYS B 152 9.49 8.23 -23.56
N ARG B 153 9.85 9.15 -22.67
CA ARG B 153 11.08 9.88 -22.86
C ARG B 153 11.41 10.76 -21.66
N VAL B 154 12.70 10.99 -21.45
CA VAL B 154 13.16 11.84 -20.36
C VAL B 154 13.99 12.92 -21.01
N LEU B 155 13.37 14.07 -21.26
CA LEU B 155 14.01 15.20 -21.95
C LEU B 155 14.52 16.35 -21.08
N PRO B 156 15.56 17.06 -21.55
CA PRO B 156 16.11 18.20 -20.81
C PRO B 156 15.11 19.31 -21.00
N ILE B 157 15.07 20.27 -20.09
CA ILE B 157 14.12 21.37 -20.23
C ILE B 157 14.57 22.64 -19.52
N ASP B 158 14.16 23.78 -20.08
CA ASP B 158 14.48 25.07 -19.50
C ASP B 158 13.20 25.90 -19.64
N VAL B 159 12.53 26.18 -18.52
CA VAL B 159 11.29 26.93 -18.55
C VAL B 159 11.50 28.41 -18.88
N HIS B 160 12.74 28.85 -18.85
CA HIS B 160 13.02 30.25 -19.12
C HIS B 160 13.16 30.53 -20.60
N GLN B 161 13.12 29.49 -21.41
CA GLN B 161 13.23 29.66 -22.85
C GLN B 161 11.84 29.67 -23.46
N PRO B 162 11.59 30.55 -24.45
CA PRO B 162 10.28 30.63 -25.09
C PRO B 162 9.76 29.24 -25.51
N GLN B 163 10.68 28.32 -25.78
CA GLN B 163 10.34 26.95 -26.14
C GLN B 163 11.11 26.06 -25.17
N PRO B 164 10.55 25.79 -23.99
CA PRO B 164 11.14 24.99 -22.94
C PRO B 164 11.86 23.69 -23.33
N LEU B 165 11.35 22.97 -24.32
CA LEU B 165 11.98 21.73 -24.72
C LEU B 165 12.88 21.90 -25.93
N GLY B 166 13.10 23.15 -26.31
CA GLY B 166 13.92 23.45 -27.49
C GLY B 166 13.02 23.40 -28.71
N ALA B 167 13.58 23.59 -29.89
CA ALA B 167 12.77 23.53 -31.11
C ALA B 167 12.90 22.16 -31.78
N GLY B 168 11.81 21.72 -32.41
CA GLY B 168 11.82 20.42 -33.05
C GLY B 168 12.10 19.31 -32.06
N SER B 169 11.65 19.49 -30.83
CA SER B 169 11.85 18.50 -29.78
C SER B 169 10.99 17.27 -29.99
N PRO B 170 11.41 16.13 -29.41
CA PRO B 170 10.71 14.84 -29.51
C PRO B 170 9.25 14.93 -29.07
N ALA B 171 9.06 15.34 -27.83
CA ALA B 171 7.75 15.48 -27.24
C ALA B 171 6.57 15.71 -28.19
N PRO B 172 5.57 14.82 -28.12
CA PRO B 172 4.41 15.00 -28.98
C PRO B 172 3.76 16.32 -28.50
N LEU B 173 3.66 17.29 -29.40
CA LEU B 173 3.07 18.58 -29.05
C LEU B 173 1.86 18.93 -29.89
N PRO B 174 0.86 19.58 -29.28
CA PRO B 174 0.85 19.96 -27.87
C PRO B 174 0.29 18.84 -27.00
N ALA B 175 0.73 18.79 -25.74
CA ALA B 175 0.27 17.77 -24.81
C ALA B 175 -1.17 18.05 -24.37
N ASP B 176 -1.89 17.00 -23.99
CA ASP B 176 -3.27 17.15 -23.55
C ASP B 176 -3.32 17.62 -22.10
N ALA B 177 -2.21 17.41 -21.39
CA ALA B 177 -2.16 17.82 -20.01
C ALA B 177 -0.73 18.09 -19.57
N LEU B 178 -0.60 18.93 -18.56
CA LEU B 178 0.71 19.27 -17.99
C LEU B 178 0.64 19.07 -16.49
N VAL B 179 1.76 18.59 -15.94
CA VAL B 179 1.91 18.38 -14.51
C VAL B 179 3.24 19.01 -14.15
N SER B 180 3.29 19.64 -12.99
CA SER B 180 4.53 20.25 -12.57
C SER B 180 4.44 20.50 -11.08
N ALA B 181 5.46 20.03 -10.38
CA ALA B 181 5.50 20.22 -8.94
C ALA B 181 6.83 20.82 -8.49
N PHE B 182 6.75 21.84 -7.66
CA PHE B 182 7.92 22.49 -7.09
C PHE B 182 8.98 22.91 -8.11
N CYS B 183 8.55 23.30 -9.30
CA CYS B 183 9.52 23.72 -10.29
C CYS B 183 9.53 25.22 -10.47
N LEU B 184 8.46 25.75 -11.07
CA LEU B 184 8.39 27.18 -11.34
C LEU B 184 8.85 28.13 -10.23
N GLU B 185 8.36 27.97 -9.02
CA GLU B 185 8.77 28.90 -7.99
C GLU B 185 10.20 28.70 -7.50
N ALA B 186 10.78 27.53 -7.77
CA ALA B 186 12.14 27.28 -7.30
C ALA B 186 13.20 27.55 -8.36
N VAL B 187 12.80 28.17 -9.45
CA VAL B 187 13.76 28.47 -10.51
C VAL B 187 13.51 29.85 -11.09
N SER B 188 12.60 30.59 -10.47
CA SER B 188 12.27 31.94 -10.93
C SER B 188 12.81 33.02 -9.99
N PRO B 189 13.78 33.81 -10.48
CA PRO B 189 14.45 34.90 -9.77
C PRO B 189 13.44 35.83 -9.12
N ASP B 190 12.52 36.34 -9.94
CA ASP B 190 11.47 37.23 -9.45
C ASP B 190 10.08 36.87 -10.00
N LEU B 191 9.05 37.47 -9.41
CA LEU B 191 7.70 37.19 -9.84
C LEU B 191 7.49 37.39 -11.33
N ALA B 192 8.31 38.22 -11.96
CA ALA B 192 8.17 38.48 -13.39
C ALA B 192 8.56 37.24 -14.19
N SER B 193 9.65 36.61 -13.75
CA SER B 193 10.19 35.42 -14.37
C SER B 193 9.21 34.25 -14.24
N PHE B 194 8.63 34.13 -13.03
CA PHE B 194 7.64 33.11 -12.71
C PHE B 194 6.55 33.18 -13.78
N GLN B 195 5.96 34.36 -13.92
CA GLN B 195 4.92 34.59 -14.90
C GLN B 195 5.37 34.19 -16.30
N ARG B 196 6.58 34.60 -16.69
CA ARG B 196 7.10 34.25 -18.02
C ARG B 196 7.33 32.75 -18.19
N ALA B 197 7.83 32.09 -17.15
CA ALA B 197 8.08 30.66 -17.20
C ALA B 197 6.74 29.96 -17.34
N LEU B 198 5.73 30.48 -16.64
CA LEU B 198 4.39 29.89 -16.73
C LEU B 198 3.89 30.04 -18.16
N ASP B 199 4.15 31.18 -18.77
CA ASP B 199 3.71 31.42 -20.15
C ASP B 199 4.40 30.50 -21.15
N HIS B 200 5.68 30.23 -20.94
CA HIS B 200 6.43 29.36 -21.85
C HIS B 200 5.91 27.92 -21.84
N ILE B 201 5.90 27.30 -20.66
CA ILE B 201 5.44 25.92 -20.55
C ILE B 201 4.00 25.79 -21.01
N THR B 202 3.23 26.88 -20.89
CA THR B 202 1.83 26.85 -21.31
C THR B 202 1.67 26.73 -22.82
N THR B 203 2.70 27.07 -23.57
CA THR B 203 2.60 26.96 -25.01
C THR B 203 2.63 25.49 -25.43
N LEU B 204 3.00 24.61 -24.50
CA LEU B 204 3.08 23.18 -24.78
C LEU B 204 1.76 22.49 -24.51
N LEU B 205 0.89 23.15 -23.78
CA LEU B 205 -0.42 22.58 -23.45
C LEU B 205 -1.43 22.93 -24.54
N ARG B 206 -2.26 21.98 -24.95
CA ARG B 206 -3.25 22.26 -25.98
C ARG B 206 -4.35 23.13 -25.37
N PRO B 207 -5.14 23.80 -26.22
CA PRO B 207 -6.22 24.63 -25.69
C PRO B 207 -7.29 23.68 -25.18
N GLY B 208 -7.77 23.94 -23.98
CA GLY B 208 -8.78 23.07 -23.42
C GLY B 208 -8.11 21.99 -22.60
N GLY B 209 -6.77 22.04 -22.58
CA GLY B 209 -6.01 21.07 -21.81
C GLY B 209 -6.00 21.49 -20.35
N HIS B 210 -5.46 20.63 -19.50
CA HIS B 210 -5.40 20.91 -18.06
C HIS B 210 -3.99 20.93 -17.52
N LEU B 211 -3.74 21.82 -16.57
CA LEU B 211 -2.44 21.92 -15.94
C LEU B 211 -2.60 21.59 -14.45
N LEU B 212 -1.76 20.68 -13.95
CA LEU B 212 -1.80 20.34 -12.53
C LEU B 212 -0.53 20.89 -11.94
N LEU B 213 -0.68 21.87 -11.05
CA LEU B 213 0.47 22.54 -10.46
C LEU B 213 0.57 22.41 -8.94
N ILE B 214 1.73 21.96 -8.47
CA ILE B 214 2.02 21.80 -7.05
C ILE B 214 3.25 22.66 -6.75
N GLY B 215 3.27 23.32 -5.60
CA GLY B 215 4.43 24.14 -5.28
C GLY B 215 4.52 24.64 -3.87
N ALA B 216 5.68 25.17 -3.51
CA ALA B 216 5.93 25.68 -2.16
C ALA B 216 5.47 27.11 -2.00
N LEU B 217 4.81 27.39 -0.88
CA LEU B 217 4.33 28.74 -0.59
C LEU B 217 5.29 29.47 0.34
N GLU B 218 5.49 30.75 0.07
CA GLU B 218 6.35 31.61 0.89
C GLU B 218 7.65 30.93 1.31
N GLU B 219 8.42 30.47 0.34
CA GLU B 219 9.70 29.82 0.59
C GLU B 219 10.82 30.59 -0.11
N SER B 220 11.88 30.91 0.64
CA SER B 220 13.01 31.68 0.09
C SER B 220 14.31 30.87 -0.07
N TRP B 221 14.35 29.68 0.51
CA TRP B 221 15.53 28.84 0.39
C TRP B 221 15.22 27.39 0.81
N TYR B 222 15.95 26.46 0.25
CA TYR B 222 15.78 25.06 0.61
C TYR B 222 17.14 24.43 0.34
N LEU B 223 17.39 23.30 0.98
CA LEU B 223 18.66 22.61 0.81
C LEU B 223 18.53 21.37 -0.07
N ALA B 224 19.61 21.10 -0.82
CA ALA B 224 19.72 19.94 -1.68
C ALA B 224 21.19 19.51 -1.57
N GLY B 225 21.64 19.37 -0.32
CA GLY B 225 23.01 18.97 -0.04
C GLY B 225 23.83 20.18 0.39
N GLU B 226 24.91 20.44 -0.34
CA GLU B 226 25.78 21.59 -0.07
C GLU B 226 25.00 22.82 -0.48
N ALA B 227 24.38 22.72 -1.65
CA ALA B 227 23.59 23.79 -2.25
C ALA B 227 22.39 24.25 -1.43
N ARG B 228 22.48 25.48 -0.91
CA ARG B 228 21.39 26.12 -0.17
C ARG B 228 20.83 27.14 -1.17
N LEU B 229 19.94 26.68 -2.06
CA LEU B 229 19.34 27.49 -3.11
C LEU B 229 18.32 28.54 -2.66
N THR B 230 18.37 29.70 -3.32
CA THR B 230 17.45 30.79 -3.00
C THR B 230 16.28 30.74 -3.94
N VAL B 231 15.09 30.90 -3.37
CA VAL B 231 13.85 30.85 -4.12
C VAL B 231 13.06 32.12 -3.87
N VAL B 232 12.23 32.49 -4.85
CA VAL B 232 11.39 33.68 -4.72
C VAL B 232 10.11 33.23 -4.01
N PRO B 233 9.82 33.79 -2.83
CA PRO B 233 8.59 33.32 -2.19
C PRO B 233 7.34 33.77 -2.95
N VAL B 234 6.34 32.89 -3.02
CA VAL B 234 5.09 33.17 -3.70
C VAL B 234 3.90 32.87 -2.80
N SER B 235 2.81 33.59 -3.02
CA SER B 235 1.61 33.39 -2.23
C SER B 235 0.58 32.65 -3.07
N GLU B 236 -0.48 32.19 -2.40
CA GLU B 236 -1.54 31.50 -3.08
C GLU B 236 -2.12 32.44 -4.12
N GLU B 237 -2.44 33.66 -3.70
CA GLU B 237 -3.01 34.68 -4.56
C GLU B 237 -2.12 35.06 -5.74
N GLU B 238 -0.81 35.02 -5.55
CA GLU B 238 0.10 35.33 -6.65
C GLU B 238 0.02 34.22 -7.69
N VAL B 239 -0.03 32.98 -7.21
CA VAL B 239 -0.14 31.83 -8.10
C VAL B 239 -1.43 31.92 -8.89
N ARG B 240 -2.52 32.25 -8.19
CA ARG B 240 -3.81 32.35 -8.84
C ARG B 240 -3.84 33.37 -9.97
N GLU B 241 -3.33 34.57 -9.66
CA GLU B 241 -3.32 35.64 -10.65
C GLU B 241 -2.54 35.26 -11.91
N ALA B 242 -1.38 34.64 -11.71
CA ALA B 242 -0.53 34.25 -12.83
C ALA B 242 -1.22 33.23 -13.71
N LEU B 243 -2.00 32.33 -13.10
CA LEU B 243 -2.70 31.31 -13.87
C LEU B 243 -3.70 32.00 -14.77
N VAL B 244 -4.37 33.01 -14.22
CA VAL B 244 -5.36 33.77 -14.97
C VAL B 244 -4.65 34.52 -16.10
N ARG B 245 -3.58 35.23 -15.74
CA ARG B 245 -2.78 35.99 -16.68
C ARG B 245 -2.37 35.15 -17.88
N SER B 246 -2.01 33.88 -17.64
CA SER B 246 -1.56 33.01 -18.72
C SER B 246 -2.67 32.42 -19.55
N GLY B 247 -3.91 32.66 -19.16
CA GLY B 247 -5.04 32.14 -19.93
C GLY B 247 -5.69 30.90 -19.39
N TYR B 248 -5.54 30.69 -18.10
CA TYR B 248 -6.11 29.52 -17.46
C TYR B 248 -7.33 29.89 -16.62
N LYS B 249 -8.31 28.99 -16.58
CA LYS B 249 -9.49 29.19 -15.74
C LYS B 249 -9.41 28.32 -14.48
N VAL B 250 -9.10 28.93 -13.35
CA VAL B 250 -8.69 28.18 -12.17
C VAL B 250 -9.79 27.32 -11.62
N ARG B 251 -9.64 26.00 -11.77
CA ARG B 251 -10.63 25.03 -11.31
C ARG B 251 -10.56 24.71 -9.83
N ASP B 252 -9.36 24.53 -9.31
CA ASP B 252 -9.18 24.22 -7.90
C ASP B 252 -7.80 24.71 -7.47
N LEU B 253 -7.77 25.34 -6.31
CA LEU B 253 -6.53 25.88 -5.77
C LEU B 253 -6.68 25.78 -4.27
N ARG B 254 -5.89 24.89 -3.67
CA ARG B 254 -5.95 24.68 -2.24
C ARG B 254 -4.59 24.71 -1.59
N THR B 255 -4.55 25.17 -0.34
CA THR B 255 -3.32 25.31 0.43
C THR B 255 -3.23 24.30 1.57
N TYR B 256 -2.01 23.88 1.86
CA TYR B 256 -1.73 22.98 2.97
C TYR B 256 -0.72 23.76 3.81
N ILE B 257 -1.01 23.92 5.10
CA ILE B 257 -0.10 24.66 5.94
C ILE B 257 0.85 23.69 6.60
N MET B 258 2.14 23.91 6.41
CA MET B 258 3.14 23.01 6.96
C MET B 258 3.12 23.00 8.48
N PRO B 259 3.04 21.81 9.08
CA PRO B 259 3.02 21.68 10.55
C PRO B 259 4.38 21.99 11.17
N ALA B 260 4.38 22.39 12.43
CA ALA B 260 5.61 22.75 13.13
C ALA B 260 6.59 21.58 13.11
N HIS B 261 6.05 20.37 13.22
CA HIS B 261 6.87 19.18 13.24
C HIS B 261 7.46 18.78 11.89
N LEU B 262 6.96 19.36 10.80
CA LEU B 262 7.51 19.04 9.48
C LEU B 262 8.47 20.13 9.02
N GLN B 263 8.61 21.16 9.84
CA GLN B 263 9.52 22.26 9.55
C GLN B 263 10.85 21.85 10.16
N THR B 264 11.61 21.08 9.38
CA THR B 264 12.88 20.51 9.78
C THR B 264 14.15 21.24 9.39
N GLY B 265 14.02 22.49 8.96
CA GLY B 265 15.20 23.25 8.61
C GLY B 265 15.87 22.92 7.29
N VAL B 266 15.23 22.10 6.46
CA VAL B 266 15.79 21.78 5.17
C VAL B 266 15.43 22.93 4.23
N ASP B 267 14.44 23.71 4.66
CA ASP B 267 13.96 24.87 3.92
C ASP B 267 13.15 25.74 4.88
N ASP B 268 12.44 26.71 4.34
CA ASP B 268 11.64 27.57 5.20
C ASP B 268 10.20 27.62 4.70
N VAL B 269 9.83 26.63 3.89
CA VAL B 269 8.47 26.58 3.33
C VAL B 269 7.39 26.80 4.40
N LYS B 270 6.39 27.61 4.05
CA LYS B 270 5.29 27.92 4.97
C LYS B 270 4.08 27.05 4.71
N GLY B 271 3.96 26.60 3.47
CA GLY B 271 2.85 25.75 3.09
C GLY B 271 3.06 25.25 1.68
N VAL B 272 2.13 24.44 1.19
CA VAL B 272 2.24 23.90 -0.17
C VAL B 272 0.91 24.10 -0.89
N PHE B 273 0.96 24.46 -2.18
CA PHE B 273 -0.25 24.69 -2.95
C PHE B 273 -0.45 23.69 -4.05
N PHE B 274 -1.72 23.39 -4.33
CA PHE B 274 -2.09 22.48 -5.40
C PHE B 274 -3.04 23.25 -6.29
N ALA B 275 -2.78 23.24 -7.59
CA ALA B 275 -3.65 23.97 -8.51
C ALA B 275 -4.14 23.15 -9.68
N TRP B 276 -5.42 23.27 -9.98
CA TRP B 276 -6.00 22.57 -11.14
C TRP B 276 -6.53 23.67 -12.05
N ALA B 277 -5.84 23.88 -13.16
CA ALA B 277 -6.25 24.91 -14.09
C ALA B 277 -6.42 24.31 -15.45
N GLN B 278 -7.27 24.97 -16.23
CA GLN B 278 -7.56 24.53 -17.58
C GLN B 278 -7.31 25.71 -18.52
N LYS B 279 -6.62 25.43 -19.62
CA LYS B 279 -6.27 26.45 -20.62
C LYS B 279 -7.48 26.85 -21.46
N VAL B 280 -7.76 28.14 -21.51
CA VAL B 280 -8.88 28.66 -22.29
C VAL B 280 -8.64 28.61 -23.82
N GLY B 281 -9.72 28.49 -24.57
CA GLY B 281 -9.66 28.41 -26.03
C GLY B 281 -10.48 27.29 -26.62
N SAH C . -3.07 -21.45 10.72
CA SAH C . -1.95 -21.48 9.78
CB SAH C . -1.26 -22.87 9.80
CG SAH C . -2.18 -24.09 9.60
SD SAH C . -1.25 -25.64 9.44
C SAH C . -2.37 -21.09 8.36
O SAH C . -1.62 -21.39 7.39
OXT SAH C . -3.44 -20.46 8.22
C5' SAH C . -1.80 -26.59 10.87
C4' SAH C . -1.24 -26.09 12.18
O4' SAH C . -1.84 -26.79 13.31
C3' SAH C . 0.28 -26.15 12.36
O3' SAH C . 0.78 -24.89 12.79
C2' SAH C . 0.45 -27.23 13.43
O2' SAH C . 1.59 -27.00 14.23
C1' SAH C . -0.83 -27.08 14.24
N9 SAH C . -1.25 -28.25 15.02
C8 SAH C . -0.77 -29.59 14.96
N7 SAH C . -1.36 -30.39 15.83
C5 SAH C . -2.25 -29.55 16.48
C6 SAH C . -3.15 -29.84 17.52
N6 SAH C . -3.28 -31.05 18.07
N1 SAH C . -3.92 -28.82 18.00
C2 SAH C . -3.77 -27.59 17.44
N3 SAH C . -2.95 -27.21 16.44
C4 SAH C . -2.20 -28.24 16.01
C1 TMJ D . -2.46 -25.58 4.61
C10 TMJ D . -2.99 -18.89 0.94
C14 TMJ D . -3.90 -16.43 1.89
C13 TMJ D . -4.46 -17.62 2.38
C15 TMJ D . -2.90 -16.48 0.94
C12 TMJ D . -4.00 -18.84 1.90
C11 TMJ D . -2.45 -17.71 0.45
C6 TMJ D . -2.59 -23.20 3.79
C4 TMJ D . -3.05 -24.97 2.20
C2 TMJ D . -2.81 -27.01 4.18
C3 TMJ D . -3.15 -26.46 1.86
CL1 TMJ D . -4.42 -14.90 2.52
N2 TMJ D . -2.44 -20.18 0.48
S1 TMJ D . -3.41 -21.47 0.24
O2 TMJ D . -4.77 -21.06 0.27
O1 TMJ D . -3.09 -22.08 -1.09
C8 TMJ D . -3.14 -22.66 1.50
C9 TMJ D . -3.26 -24.01 1.22
C7 TMJ D . -2.80 -22.26 2.79
C5 TMJ D . -2.72 -24.57 3.50
N1 TMJ D . -2.34 -27.24 2.80
N SAH E . 9.38 17.96 -9.34
CA SAH E . 10.24 17.41 -8.28
CB SAH E . 11.52 18.26 -8.12
CG SAH E . 11.31 19.76 -7.83
SD SAH E . 12.86 20.63 -7.49
C SAH E . 9.47 17.32 -6.96
O SAH E . 8.23 17.40 -7.01
OXT SAH E . 10.13 17.15 -5.91
C5' SAH E . 13.01 21.78 -8.87
C4' SAH E . 13.54 21.16 -10.13
O4' SAH E . 13.60 22.13 -11.22
C3' SAH E . 14.91 20.51 -10.08
O3' SAH E . 14.82 19.17 -10.56
C2' SAH E . 15.77 21.39 -10.99
O2' SAH E . 16.81 20.69 -11.65
C1' SAH E . 14.74 21.88 -12.00
N9 SAH E . 15.11 23.10 -12.73
C8 SAH E . 16.15 24.00 -12.47
N7 SAH E . 16.24 24.97 -13.34
C5 SAH E . 15.19 24.70 -14.21
C6 SAH E . 14.80 25.41 -15.38
N6 SAH E . 15.41 26.50 -15.83
N1 SAH E . 13.73 24.91 -16.08
C2 SAH E . 13.13 23.79 -15.61
N3 SAH E . 13.43 23.05 -14.52
C4 SAH E . 14.49 23.57 -13.86
C1 TMJ F . 11.04 21.36 -2.73
C10 TMJ F . 6.38 15.87 -0.10
C14 TMJ F . 4.43 14.25 -1.26
C13 TMJ F . 4.79 15.45 -1.86
C15 TMJ F . 5.05 13.86 -0.08
C12 TMJ F . 5.77 16.26 -1.29
C11 TMJ F . 6.03 14.67 0.50
C6 TMJ F . 9.61 19.36 -2.20
C4 TMJ F . 9.53 21.22 -0.68
C2 TMJ F . 11.28 22.81 -2.27
C3 TMJ F . 9.99 22.61 -0.26
CL1 TMJ F . 3.19 13.25 -1.94
N2 TMJ F . 7.41 16.72 0.52
S1 TMJ F . 7.19 18.31 0.82
O2 TMJ F . 5.82 18.68 0.61
O1 TMJ F . 7.54 18.58 2.25
C8 TMJ F . 8.23 19.23 -0.23
C9 TMJ F . 8.64 20.51 0.13
C7 TMJ F . 8.72 18.65 -1.40
C5 TMJ F . 10.03 20.64 -1.84
N1 TMJ F . 11.32 22.88 -0.81
#